data_2LM8
#
_entry.id   2LM8
#
_entity_poly.entity_id   1
_entity_poly.type   'polypeptide(L)'
_entity_poly.pdbx_seq_one_letter_code
;KWFRVYRGIYRRR
;
_entity_poly.pdbx_strand_id   A
#
# COMPACT_ATOMS: atom_id res chain seq x y z
N LYS A 1 -7.90 0.35 5.86
CA LYS A 1 -6.81 0.07 4.94
C LYS A 1 -7.19 0.48 3.51
N TRP A 2 -6.20 0.49 2.63
CA TRP A 2 -6.43 0.86 1.23
C TRP A 2 -6.18 -0.32 0.30
N PHE A 3 -6.36 -0.10 -0.99
CA PHE A 3 -6.15 -1.15 -1.98
C PHE A 3 -4.77 -1.77 -1.84
N ARG A 4 -4.47 -2.74 -2.70
CA ARG A 4 -3.18 -3.41 -2.67
C ARG A 4 -2.03 -2.41 -2.77
N VAL A 5 -1.09 -2.49 -1.84
CA VAL A 5 0.05 -1.60 -1.82
C VAL A 5 0.98 -1.85 -3.00
N TYR A 6 2.03 -1.05 -3.11
CA TYR A 6 2.99 -1.19 -4.20
C TYR A 6 4.35 -0.61 -3.81
N ARG A 7 5.35 -0.88 -4.63
CA ARG A 7 6.70 -0.38 -4.37
C ARG A 7 6.80 1.11 -4.71
N GLY A 8 6.94 1.93 -3.68
CA GLY A 8 7.04 3.36 -3.88
C GLY A 8 6.23 4.15 -2.87
N ILE A 9 5.24 3.52 -2.27
CA ILE A 9 4.39 4.16 -1.28
C ILE A 9 4.18 3.27 -0.06
N TYR A 10 4.46 3.81 1.12
CA TYR A 10 4.31 3.05 2.36
C TYR A 10 2.84 3.00 2.78
N ARG A 11 2.25 1.81 2.68
CA ARG A 11 0.85 1.62 3.05
C ARG A 11 0.58 0.16 3.41
N ARG A 12 -0.67 -0.13 3.78
CA ARG A 12 -1.06 -1.49 4.14
C ARG A 12 -2.38 -1.87 3.48
N ARG A 13 -2.35 -2.97 2.71
CA ARG A 13 -3.54 -3.44 2.02
C ARG A 13 -4.45 -4.22 2.98
N LYS A 1 -7.49 0.76 6.23
CA LYS A 1 -6.86 -0.07 5.21
C LYS A 1 -7.16 0.45 3.81
N TRP A 2 -6.20 0.31 2.91
CA TRP A 2 -6.36 0.76 1.54
C TRP A 2 -6.12 -0.38 0.55
N PHE A 3 -6.24 -0.07 -0.74
CA PHE A 3 -6.04 -1.08 -1.78
C PHE A 3 -4.69 -1.76 -1.63
N ARG A 4 -4.39 -2.69 -2.53
CA ARG A 4 -3.12 -3.41 -2.50
C ARG A 4 -1.95 -2.45 -2.50
N VAL A 5 -1.04 -2.63 -1.55
CA VAL A 5 0.14 -1.77 -1.43
C VAL A 5 1.08 -1.98 -2.62
N TYR A 6 1.66 -0.89 -3.11
CA TYR A 6 2.57 -0.95 -4.24
C TYR A 6 3.95 -0.43 -3.85
N ARG A 7 4.97 -0.84 -4.60
CA ARG A 7 6.33 -0.41 -4.35
C ARG A 7 6.51 1.07 -4.67
N GLY A 8 6.70 1.88 -3.63
CA GLY A 8 6.88 3.30 -3.83
C GLY A 8 6.16 4.14 -2.79
N ILE A 9 5.12 3.56 -2.20
CA ILE A 9 4.34 4.26 -1.18
C ILE A 9 4.11 3.36 0.04
N TYR A 10 4.45 3.88 1.21
CA TYR A 10 4.28 3.14 2.45
C TYR A 10 2.80 3.09 2.86
N ARG A 11 2.21 1.90 2.77
CA ARG A 11 0.81 1.72 3.13
C ARG A 11 0.53 0.28 3.56
N ARG A 12 -0.71 0.00 3.93
CA ARG A 12 -1.10 -1.33 4.35
C ARG A 12 -2.47 -1.70 3.79
N ARG A 13 -2.55 -2.90 3.20
CA ARG A 13 -3.80 -3.38 2.63
C ARG A 13 -4.93 -3.36 3.65
N LYS A 1 -7.47 0.93 6.04
CA LYS A 1 -6.86 0.05 5.05
C LYS A 1 -7.18 0.52 3.63
N TRP A 2 -6.16 0.56 2.79
CA TRP A 2 -6.33 1.00 1.40
C TRP A 2 -6.10 -0.17 0.44
N PHE A 3 -6.23 0.11 -0.85
CA PHE A 3 -6.04 -0.91 -1.88
C PHE A 3 -4.69 -1.60 -1.72
N ARG A 4 -4.40 -2.54 -2.61
CA ARG A 4 -3.14 -3.28 -2.57
C ARG A 4 -1.96 -2.32 -2.59
N VAL A 5 -1.05 -2.48 -1.64
CA VAL A 5 0.14 -1.62 -1.55
C VAL A 5 1.10 -1.90 -2.71
N TYR A 6 1.88 -0.89 -3.07
CA TYR A 6 2.84 -1.02 -4.16
C TYR A 6 4.21 -0.48 -3.75
N ARG A 7 5.22 -0.79 -4.56
CA ARG A 7 6.57 -0.34 -4.28
C ARG A 7 6.72 1.16 -4.58
N GLY A 8 6.89 1.94 -3.51
CA GLY A 8 7.03 3.38 -3.67
C GLY A 8 6.28 4.17 -2.62
N ILE A 9 5.27 3.54 -2.03
CA ILE A 9 4.46 4.18 -1.00
C ILE A 9 4.25 3.25 0.19
N TYR A 10 4.57 3.73 1.38
CA TYR A 10 4.40 2.95 2.59
C TYR A 10 2.93 2.90 3.02
N ARG A 11 2.32 1.73 2.89
CA ARG A 11 0.91 1.55 3.25
C ARG A 11 0.62 0.09 3.57
N ARG A 12 -0.64 -0.19 3.92
CA ARG A 12 -1.05 -1.55 4.24
C ARG A 12 -2.38 -1.88 3.57
N ARG A 13 -2.40 -2.98 2.81
CA ARG A 13 -3.60 -3.41 2.12
C ARG A 13 -4.54 -4.17 3.06
N LYS A 1 -6.64 0.65 6.93
CA LYS A 1 -6.06 -0.21 5.90
C LYS A 1 -6.56 0.20 4.52
N TRP A 2 -5.66 0.21 3.54
CA TRP A 2 -6.02 0.56 2.17
C TRP A 2 -5.83 -0.62 1.25
N PHE A 3 -6.12 -0.41 -0.04
CA PHE A 3 -6.00 -1.46 -1.04
C PHE A 3 -4.59 -2.07 -1.01
N ARG A 4 -4.36 -3.04 -1.89
CA ARG A 4 -3.06 -3.70 -1.96
C ARG A 4 -1.94 -2.68 -2.17
N VAL A 5 -0.92 -2.76 -1.32
CA VAL A 5 0.21 -1.85 -1.41
C VAL A 5 1.04 -2.12 -2.67
N TYR A 6 1.59 -1.06 -3.24
CA TYR A 6 2.40 -1.18 -4.45
C TYR A 6 3.77 -0.54 -4.25
N ARG A 7 4.75 -1.00 -5.02
CA ARG A 7 6.10 -0.47 -4.93
C ARG A 7 6.14 1.00 -5.31
N GLY A 8 6.39 1.86 -4.33
CA GLY A 8 6.44 3.29 -4.58
C GLY A 8 5.76 4.09 -3.50
N ILE A 9 4.87 3.46 -2.76
CA ILE A 9 4.13 4.12 -1.68
C ILE A 9 4.11 3.27 -0.42
N TYR A 10 4.52 3.86 0.69
CA TYR A 10 4.54 3.15 1.97
C TYR A 10 3.15 3.07 2.58
N ARG A 11 2.58 1.86 2.60
CA ARG A 11 1.25 1.65 3.15
C ARG A 11 1.07 0.19 3.57
N ARG A 12 -0.12 -0.11 4.08
CA ARG A 12 -0.42 -1.47 4.52
C ARG A 12 -1.77 -1.94 3.96
N ARG A 13 -1.77 -3.11 3.35
CA ARG A 13 -2.99 -3.66 2.76
C ARG A 13 -3.77 -4.47 3.80
N LYS A 1 -7.13 0.51 6.24
CA LYS A 1 -6.39 -0.19 5.21
C LYS A 1 -6.82 0.27 3.82
N TRP A 2 -5.86 0.32 2.90
CA TRP A 2 -6.13 0.74 1.53
C TRP A 2 -5.91 -0.40 0.56
N PHE A 3 -6.13 -0.13 -0.73
CA PHE A 3 -5.94 -1.13 -1.77
C PHE A 3 -4.55 -1.75 -1.69
N ARG A 4 -4.27 -2.68 -2.60
CA ARG A 4 -2.98 -3.35 -2.63
C ARG A 4 -1.84 -2.34 -2.73
N VAL A 5 -0.88 -2.45 -1.82
CA VAL A 5 0.26 -1.54 -1.81
C VAL A 5 1.16 -1.77 -3.02
N TYR A 6 2.15 -0.90 -3.18
CA TYR A 6 3.09 -1.00 -4.30
C TYR A 6 4.45 -0.43 -3.94
N ARG A 7 5.47 -0.81 -4.69
CA ARG A 7 6.82 -0.33 -4.44
C ARG A 7 6.94 1.17 -4.72
N GLY A 8 7.10 1.95 -3.67
CA GLY A 8 7.23 3.39 -3.82
C GLY A 8 6.45 4.14 -2.75
N ILE A 9 5.45 3.49 -2.17
CA ILE A 9 4.63 4.11 -1.13
C ILE A 9 4.44 3.17 0.05
N TYR A 10 4.75 3.66 1.25
CA TYR A 10 4.61 2.87 2.46
C TYR A 10 3.14 2.80 2.90
N ARG A 11 2.55 1.62 2.77
CA ARG A 11 1.15 1.43 3.16
C ARG A 11 0.88 -0.03 3.47
N ARG A 12 -0.37 -0.33 3.84
CA ARG A 12 -0.76 -1.69 4.18
C ARG A 12 -2.08 -2.07 3.49
N ARG A 13 -2.07 -3.19 2.79
CA ARG A 13 -3.25 -3.66 2.08
C ARG A 13 -4.12 -4.52 2.98
N LYS A 1 -6.63 0.62 6.71
CA LYS A 1 -6.22 -0.41 5.75
C LYS A 1 -6.64 -0.02 4.33
N TRP A 2 -5.69 0.00 3.42
CA TRP A 2 -5.96 0.35 2.03
C TRP A 2 -5.69 -0.83 1.10
N PHE A 3 -5.91 -0.63 -0.18
CA PHE A 3 -5.69 -1.68 -1.18
C PHE A 3 -4.28 -2.25 -1.06
N ARG A 4 -3.97 -3.22 -1.91
CA ARG A 4 -2.67 -3.86 -1.92
C ARG A 4 -1.56 -2.82 -2.05
N VAL A 5 -0.59 -2.86 -1.13
CA VAL A 5 0.53 -1.92 -1.16
C VAL A 5 1.43 -2.17 -2.36
N TYR A 6 1.86 -1.09 -3.00
CA TYR A 6 2.73 -1.19 -4.17
C TYR A 6 4.08 -0.53 -3.90
N ARG A 7 5.08 -0.94 -4.66
CA ARG A 7 6.44 -0.39 -4.50
C ARG A 7 6.47 1.08 -4.92
N GLY A 8 6.64 1.97 -3.93
CA GLY A 8 6.69 3.38 -4.21
C GLY A 8 5.94 4.20 -3.18
N ILE A 9 5.01 3.56 -2.47
CA ILE A 9 4.23 4.23 -1.45
C ILE A 9 4.15 3.40 -0.17
N TYR A 10 4.49 4.02 0.95
CA TYR A 10 4.46 3.33 2.23
C TYR A 10 3.04 3.23 2.76
N ARG A 11 2.50 2.02 2.79
CA ARG A 11 1.15 1.78 3.28
C ARG A 11 0.97 0.35 3.75
N ARG A 12 -0.23 0.01 4.21
CA ARG A 12 -0.52 -1.33 4.70
C ARG A 12 -1.90 -1.78 4.22
N ARG A 13 -2.00 -3.04 3.83
CA ARG A 13 -3.25 -3.60 3.35
C ARG A 13 -4.36 -3.42 4.39
N LYS A 1 -6.73 0.76 6.54
CA LYS A 1 -6.29 -0.13 5.49
C LYS A 1 -6.68 0.41 4.11
N TRP A 2 -5.72 0.42 3.20
CA TRP A 2 -5.97 0.90 1.84
C TRP A 2 -5.79 -0.21 0.81
N PHE A 3 -5.99 0.12 -0.45
CA PHE A 3 -5.85 -0.84 -1.53
C PHE A 3 -4.49 -1.54 -1.48
N ARG A 4 -4.25 -2.44 -2.41
CA ARG A 4 -2.99 -3.17 -2.47
C ARG A 4 -1.81 -2.20 -2.52
N VAL A 5 -0.85 -2.39 -1.61
CA VAL A 5 0.32 -1.53 -1.54
C VAL A 5 1.22 -1.75 -2.76
N TYR A 6 1.80 -0.66 -3.26
CA TYR A 6 2.68 -0.73 -4.42
C TYR A 6 4.08 -0.22 -4.08
N ARG A 7 5.06 -0.62 -4.88
CA ARG A 7 6.44 -0.21 -4.66
C ARG A 7 6.61 1.28 -4.96
N GLY A 8 6.84 2.07 -3.92
CA GLY A 8 7.02 3.49 -4.09
C GLY A 8 6.34 4.30 -3.00
N ILE A 9 5.36 3.70 -2.34
CA ILE A 9 4.62 4.37 -1.28
C ILE A 9 4.45 3.45 -0.07
N TYR A 10 4.83 3.94 1.10
CA TYR A 10 4.71 3.16 2.33
C TYR A 10 3.26 3.12 2.81
N ARG A 11 2.64 1.94 2.71
CA ARG A 11 1.26 1.77 3.14
C ARG A 11 0.98 0.32 3.51
N ARG A 12 -0.23 0.05 3.95
CA ARG A 12 -0.63 -1.30 4.34
C ARG A 12 -2.02 -1.64 3.80
N ARG A 13 -2.16 -2.86 3.28
CA ARG A 13 -3.43 -3.31 2.73
C ARG A 13 -4.54 -3.19 3.76
N LYS A 1 -6.90 0.73 7.02
CA LYS A 1 -6.11 0.11 5.96
C LYS A 1 -6.66 0.47 4.58
N TRP A 2 -5.80 0.48 3.58
CA TRP A 2 -6.20 0.80 2.21
C TRP A 2 -6.02 -0.40 1.29
N PHE A 3 -6.36 -0.20 0.02
CA PHE A 3 -6.23 -1.28 -0.97
C PHE A 3 -4.82 -1.84 -0.97
N ARG A 4 -4.59 -2.83 -1.84
CA ARG A 4 -3.28 -3.46 -1.96
C ARG A 4 -2.19 -2.42 -2.21
N VAL A 5 -1.14 -2.46 -1.39
CA VAL A 5 -0.04 -1.52 -1.53
C VAL A 5 0.76 -1.79 -2.80
N TYR A 6 1.79 -0.98 -3.04
CA TYR A 6 2.63 -1.14 -4.21
C TYR A 6 4.02 -0.54 -3.97
N ARG A 7 5.00 -0.99 -4.76
CA ARG A 7 6.36 -0.50 -4.64
C ARG A 7 6.44 0.97 -5.02
N GLY A 8 6.68 1.83 -4.03
CA GLY A 8 6.78 3.25 -4.28
C GLY A 8 6.07 4.09 -3.23
N ILE A 9 5.09 3.48 -2.57
CA ILE A 9 4.34 4.18 -1.53
C ILE A 9 4.23 3.33 -0.27
N TYR A 10 4.60 3.90 0.86
CA TYR A 10 4.55 3.20 2.13
C TYR A 10 3.13 3.15 2.67
N ARG A 11 2.54 1.96 2.67
CA ARG A 11 1.19 1.77 3.16
C ARG A 11 0.95 0.33 3.59
N ARG A 12 -0.26 0.04 4.06
CA ARG A 12 -0.61 -1.30 4.50
C ARG A 12 -1.94 -1.75 3.89
N ARG A 13 -1.97 -2.98 3.39
CA ARG A 13 -3.19 -3.52 2.78
C ARG A 13 -3.95 -4.39 3.78
N LYS A 1 -6.37 0.57 7.01
CA LYS A 1 -6.12 -0.36 5.91
C LYS A 1 -6.58 0.22 4.58
N TRP A 2 -5.71 0.15 3.57
CA TRP A 2 -6.04 0.67 2.26
C TRP A 2 -5.93 -0.43 1.20
N PHE A 3 -6.20 -0.06 -0.05
CA PHE A 3 -6.13 -1.02 -1.15
C PHE A 3 -4.77 -1.70 -1.19
N ARG A 4 -4.59 -2.60 -2.17
CA ARG A 4 -3.33 -3.33 -2.32
C ARG A 4 -2.15 -2.37 -2.41
N VAL A 5 -1.15 -2.58 -1.57
CA VAL A 5 0.03 -1.74 -1.56
C VAL A 5 0.86 -1.93 -2.83
N TYR A 6 1.49 -0.85 -3.29
CA TYR A 6 2.31 -0.91 -4.50
C TYR A 6 3.70 -0.35 -4.24
N ARG A 7 4.65 -0.75 -5.07
CA ARG A 7 6.04 -0.29 -4.94
C ARG A 7 6.15 1.20 -5.28
N GLY A 8 6.46 2.00 -4.28
CA GLY A 8 6.60 3.43 -4.50
C GLY A 8 5.96 4.25 -3.39
N ILE A 9 5.04 3.64 -2.66
CA ILE A 9 4.35 4.32 -1.57
C ILE A 9 4.24 3.43 -0.35
N TYR A 10 4.69 3.94 0.79
CA TYR A 10 4.64 3.17 2.04
C TYR A 10 3.21 3.10 2.58
N ARG A 11 2.64 1.90 2.53
CA ARG A 11 1.27 1.69 3.00
C ARG A 11 1.06 0.23 3.41
N ARG A 12 -0.14 -0.08 3.88
CA ARG A 12 -0.47 -1.43 4.30
C ARG A 12 -1.90 -1.80 3.88
N ARG A 13 -2.04 -2.98 3.30
CA ARG A 13 -3.35 -3.45 2.85
C ARG A 13 -4.35 -3.44 4.00
N LYS A 1 -7.59 0.78 6.45
CA LYS A 1 -6.83 0.04 5.44
C LYS A 1 -7.25 0.45 4.03
N TRP A 2 -6.29 0.40 3.11
CA TRP A 2 -6.56 0.77 1.72
C TRP A 2 -6.37 -0.41 0.79
N PHE A 3 -6.57 -0.19 -0.50
CA PHE A 3 -6.42 -1.25 -1.49
C PHE A 3 -5.04 -1.89 -1.40
N ARG A 4 -4.78 -2.87 -2.26
CA ARG A 4 -3.50 -3.57 -2.27
C ARG A 4 -2.35 -2.59 -2.40
N VAL A 5 -1.38 -2.69 -1.50
CA VAL A 5 -0.22 -1.81 -1.52
C VAL A 5 0.68 -2.10 -2.73
N TYR A 6 1.56 -1.17 -3.04
CA TYR A 6 2.47 -1.32 -4.17
C TYR A 6 3.84 -0.77 -3.85
N ARG A 7 4.81 -1.03 -4.72
CA ARG A 7 6.17 -0.55 -4.53
C ARG A 7 6.28 0.93 -4.88
N GLY A 8 6.49 1.75 -3.85
CA GLY A 8 6.61 3.19 -4.07
C GLY A 8 5.87 3.99 -3.02
N ILE A 9 4.89 3.37 -2.38
CA ILE A 9 4.11 4.05 -1.35
C ILE A 9 3.94 3.16 -0.12
N TYR A 10 4.28 3.70 1.04
CA TYR A 10 4.18 2.96 2.30
C TYR A 10 2.72 2.91 2.78
N ARG A 11 2.13 1.72 2.71
CA ARG A 11 0.74 1.54 3.13
C ARG A 11 0.49 0.09 3.52
N ARG A 12 -0.74 -0.20 3.93
CA ARG A 12 -1.12 -1.55 4.33
C ARG A 12 -2.46 -1.95 3.73
N ARG A 13 -2.50 -3.10 3.07
CA ARG A 13 -3.72 -3.59 2.44
C ARG A 13 -4.57 -4.36 3.45
N LYS A 1 -7.23 0.68 6.07
CA LYS A 1 -6.84 -0.22 5.00
C LYS A 1 -7.17 0.40 3.63
N TRP A 2 -6.24 0.28 2.70
CA TRP A 2 -6.45 0.81 1.35
C TRP A 2 -6.23 -0.26 0.30
N PHE A 3 -6.37 0.11 -0.97
CA PHE A 3 -6.19 -0.82 -2.07
C PHE A 3 -4.82 -1.50 -1.99
N ARG A 4 -4.54 -2.37 -2.95
CA ARG A 4 -3.27 -3.09 -2.98
C ARG A 4 -2.09 -2.11 -2.96
N VAL A 5 -1.18 -2.34 -2.03
CA VAL A 5 -0.01 -1.48 -1.89
C VAL A 5 0.93 -1.64 -3.09
N TYR A 6 2.04 -0.90 -3.07
CA TYR A 6 3.01 -0.96 -4.15
C TYR A 6 4.37 -0.42 -3.68
N ARG A 7 5.41 -0.71 -4.46
CA ARG A 7 6.75 -0.27 -4.14
C ARG A 7 6.91 1.23 -4.39
N GLY A 8 7.05 1.99 -3.31
CA GLY A 8 7.21 3.43 -3.43
C GLY A 8 6.40 4.19 -2.40
N ILE A 9 5.38 3.54 -1.85
CA ILE A 9 4.53 4.16 -0.85
C ILE A 9 4.23 3.20 0.29
N TYR A 10 4.48 3.65 1.52
CA TYR A 10 4.24 2.82 2.70
C TYR A 10 2.76 2.78 3.04
N ARG A 11 2.14 1.62 2.84
CA ARG A 11 0.73 1.46 3.13
C ARG A 11 0.40 -0.02 3.40
N ARG A 12 -0.88 -0.29 3.68
CA ARG A 12 -1.32 -1.65 3.96
C ARG A 12 -2.70 -1.90 3.37
N ARG A 13 -2.92 -3.12 2.89
CA ARG A 13 -4.20 -3.49 2.30
C ARG A 13 -5.35 -3.22 3.27
N LYS A 1 -6.77 0.96 6.84
CA LYS A 1 -6.45 0.00 5.80
C LYS A 1 -6.91 0.50 4.44
N TRP A 2 -6.03 0.43 3.45
CA TRP A 2 -6.33 0.87 2.10
C TRP A 2 -6.24 -0.29 1.11
N PHE A 3 -6.50 0.00 -0.16
CA PHE A 3 -6.45 -1.02 -1.20
C PHE A 3 -5.10 -1.73 -1.19
N ARG A 4 -4.94 -2.68 -2.11
CA ARG A 4 -3.70 -3.44 -2.21
C ARG A 4 -2.50 -2.50 -2.37
N VAL A 5 -1.49 -2.70 -1.52
CA VAL A 5 -0.29 -1.87 -1.57
C VAL A 5 0.52 -2.15 -2.82
N TYR A 6 1.46 -1.26 -3.12
CA TYR A 6 2.31 -1.41 -4.31
C TYR A 6 3.72 -0.91 -4.03
N ARG A 7 4.66 -1.31 -4.88
CA ARG A 7 6.05 -0.90 -4.72
C ARG A 7 6.24 0.57 -5.09
N GLY A 8 6.51 1.40 -4.09
CA GLY A 8 6.70 2.82 -4.33
C GLY A 8 6.04 3.68 -3.28
N ILE A 9 5.07 3.10 -2.57
CA ILE A 9 4.35 3.83 -1.53
C ILE A 9 4.17 2.96 -0.28
N TYR A 10 4.58 3.48 0.87
CA TYR A 10 4.46 2.75 2.12
C TYR A 10 3.02 2.78 2.63
N ARG A 11 2.35 1.63 2.58
CA ARG A 11 0.97 1.52 3.04
C ARG A 11 0.65 0.10 3.48
N ARG A 12 -0.57 -0.11 3.95
CA ARG A 12 -1.01 -1.42 4.41
C ARG A 12 -2.40 -1.75 3.88
N ARG A 13 -2.57 -2.97 3.38
CA ARG A 13 -3.86 -3.40 2.85
C ARG A 13 -4.95 -3.26 3.89
N LYS A 1 -6.78 0.67 6.71
CA LYS A 1 -6.33 -0.29 5.73
C LYS A 1 -6.76 0.12 4.32
N TRP A 2 -5.80 0.14 3.40
CA TRP A 2 -6.08 0.52 2.02
C TRP A 2 -5.84 -0.67 1.08
N PHE A 3 -6.07 -0.44 -0.21
CA PHE A 3 -5.88 -1.49 -1.22
C PHE A 3 -4.49 -2.09 -1.13
N ARG A 4 -4.20 -3.04 -2.00
CA ARG A 4 -2.90 -3.70 -2.02
C ARG A 4 -1.77 -2.69 -2.15
N VAL A 5 -0.81 -2.75 -1.24
CA VAL A 5 0.32 -1.82 -1.27
C VAL A 5 1.20 -2.06 -2.50
N TYR A 6 1.60 -0.97 -3.14
CA TYR A 6 2.45 -1.05 -4.33
C TYR A 6 3.83 -0.46 -4.06
N ARG A 7 4.81 -0.93 -4.82
CA ARG A 7 6.19 -0.45 -4.67
C ARG A 7 6.28 1.03 -5.03
N GLY A 8 6.51 1.87 -4.03
CA GLY A 8 6.62 3.30 -4.26
C GLY A 8 5.91 4.12 -3.19
N ILE A 9 4.94 3.51 -2.53
CA ILE A 9 4.18 4.18 -1.48
C ILE A 9 4.11 3.34 -0.23
N TYR A 10 4.49 3.92 0.91
CA TYR A 10 4.46 3.21 2.18
C TYR A 10 3.05 3.14 2.73
N ARG A 11 2.47 1.94 2.73
CA ARG A 11 1.12 1.75 3.22
C ARG A 11 0.91 0.30 3.68
N ARG A 12 -0.30 -0.01 4.16
CA ARG A 12 -0.62 -1.34 4.62
C ARG A 12 -2.01 -1.76 4.15
N ARG A 13 -2.13 -3.01 3.70
CA ARG A 13 -3.41 -3.52 3.23
C ARG A 13 -4.50 -3.36 4.29
N LYS A 1 -6.67 0.46 6.78
CA LYS A 1 -6.30 -0.40 5.67
C LYS A 1 -6.68 0.21 4.33
N TRP A 2 -5.75 0.19 3.38
CA TRP A 2 -5.99 0.75 2.06
C TRP A 2 -5.84 -0.32 0.99
N PHE A 3 -6.03 0.07 -0.27
CA PHE A 3 -5.91 -0.85 -1.39
C PHE A 3 -4.56 -1.56 -1.37
N ARG A 4 -4.34 -2.43 -2.35
CA ARG A 4 -3.09 -3.18 -2.46
C ARG A 4 -1.89 -2.23 -2.46
N VAL A 5 -0.94 -2.49 -1.57
CA VAL A 5 0.26 -1.65 -1.48
C VAL A 5 1.14 -1.82 -2.71
N TYR A 6 1.69 -0.72 -3.19
CA TYR A 6 2.56 -0.74 -4.36
C TYR A 6 3.97 -0.28 -4.01
N ARG A 7 4.92 -0.62 -4.87
CA ARG A 7 6.32 -0.23 -4.65
C ARG A 7 6.51 1.27 -4.86
N GLY A 8 6.77 1.98 -3.77
CA GLY A 8 6.96 3.42 -3.85
C GLY A 8 6.29 4.16 -2.72
N ILE A 9 5.28 3.55 -2.12
CA ILE A 9 4.55 4.16 -1.02
C ILE A 9 4.38 3.18 0.14
N TYR A 10 4.79 3.61 1.34
CA TYR A 10 4.69 2.78 2.53
C TYR A 10 3.25 2.72 3.03
N ARG A 11 2.63 1.56 2.88
CA ARG A 11 1.25 1.38 3.32
C ARG A 11 0.96 -0.10 3.60
N ARG A 12 -0.27 -0.39 4.02
CA ARG A 12 -0.67 -1.76 4.32
C ARG A 12 -2.07 -2.04 3.79
N ARG A 13 -2.24 -3.22 3.20
CA ARG A 13 -3.54 -3.62 2.64
C ARG A 13 -4.62 -3.56 3.71
N LYS A 1 -7.13 0.33 6.45
CA LYS A 1 -6.29 -0.22 5.38
C LYS A 1 -6.78 0.25 4.01
N TRP A 2 -5.86 0.34 3.07
CA TRP A 2 -6.19 0.77 1.72
C TRP A 2 -6.02 -0.36 0.72
N PHE A 3 -6.29 -0.09 -0.55
CA PHE A 3 -6.17 -1.09 -1.60
C PHE A 3 -4.77 -1.71 -1.60
N ARG A 4 -4.54 -2.63 -2.52
CA ARG A 4 -3.25 -3.31 -2.62
C ARG A 4 -2.12 -2.30 -2.76
N VAL A 5 -1.12 -2.41 -1.89
CA VAL A 5 0.03 -1.52 -1.92
C VAL A 5 0.87 -1.73 -3.17
N TYR A 6 1.92 -0.93 -3.32
CA TYR A 6 2.80 -1.04 -4.47
C TYR A 6 4.18 -0.46 -4.16
N ARG A 7 5.15 -0.76 -5.01
CA ARG A 7 6.51 -0.27 -4.83
C ARG A 7 6.59 1.23 -5.11
N GLY A 8 6.81 2.02 -4.06
CA GLY A 8 6.89 3.46 -4.22
C GLY A 8 6.17 4.21 -3.12
N ILE A 9 5.20 3.56 -2.50
CA ILE A 9 4.43 4.17 -1.43
C ILE A 9 4.29 3.22 -0.24
N TYR A 10 4.64 3.71 0.94
CA TYR A 10 4.55 2.90 2.15
C TYR A 10 3.10 2.85 2.66
N ARG A 11 2.50 1.67 2.56
CA ARG A 11 1.12 1.49 3.01
C ARG A 11 0.85 0.01 3.32
N ARG A 12 -0.38 -0.27 3.75
CA ARG A 12 -0.76 -1.64 4.10
C ARG A 12 -2.08 -2.02 3.44
N ARG A 13 -2.10 -3.17 2.78
CA ARG A 13 -3.31 -3.65 2.11
C ARG A 13 -4.14 -4.52 3.03
N LYS A 1 -6.43 0.65 6.68
CA LYS A 1 -6.17 -0.35 5.65
C LYS A 1 -6.64 0.13 4.28
N TRP A 2 -5.73 0.16 3.32
CA TRP A 2 -6.07 0.60 1.97
C TRP A 2 -5.90 -0.55 0.97
N PHE A 3 -6.16 -0.26 -0.29
CA PHE A 3 -6.04 -1.26 -1.35
C PHE A 3 -4.66 -1.90 -1.34
N ARG A 4 -4.43 -2.82 -2.26
CA ARG A 4 -3.14 -3.50 -2.36
C ARG A 4 -2.00 -2.50 -2.50
N VAL A 5 -0.99 -2.64 -1.64
CA VAL A 5 0.16 -1.75 -1.67
C VAL A 5 1.00 -1.97 -2.93
N TYR A 6 1.80 -0.97 -3.29
CA TYR A 6 2.64 -1.05 -4.47
C TYR A 6 4.03 -0.45 -4.19
N ARG A 7 4.99 -0.77 -5.05
CA ARG A 7 6.34 -0.26 -4.89
C ARG A 7 6.40 1.23 -5.20
N GLY A 8 6.65 2.03 -4.18
CA GLY A 8 6.72 3.47 -4.36
C GLY A 8 6.03 4.24 -3.25
N ILE A 9 5.12 3.57 -2.55
CA ILE A 9 4.38 4.19 -1.46
C ILE A 9 4.27 3.25 -0.27
N TYR A 10 4.65 3.75 0.90
CA TYR A 10 4.59 2.95 2.13
C TYR A 10 3.16 2.88 2.67
N ARG A 11 2.57 1.69 2.59
CA ARG A 11 1.21 1.49 3.06
C ARG A 11 0.97 0.02 3.42
N ARG A 12 -0.24 -0.29 3.87
CA ARG A 12 -0.58 -1.65 4.26
C ARG A 12 -2.01 -1.98 3.81
N ARG A 13 -2.19 -3.21 3.33
CA ARG A 13 -3.51 -3.65 2.88
C ARG A 13 -4.54 -3.54 3.98
N LYS A 1 -6.35 0.09 6.86
CA LYS A 1 -6.00 -0.85 5.79
C LYS A 1 -6.54 -0.37 4.45
N TRP A 2 -5.67 -0.33 3.45
CA TRP A 2 -6.06 0.10 2.11
C TRP A 2 -5.86 -1.02 1.10
N PHE A 3 -6.17 -0.73 -0.16
CA PHE A 3 -6.03 -1.72 -1.22
C PHE A 3 -4.61 -2.27 -1.26
N ARG A 4 -4.36 -3.18 -2.20
CA ARG A 4 -3.04 -3.79 -2.35
C ARG A 4 -1.96 -2.72 -2.51
N VAL A 5 -0.92 -2.81 -1.68
CA VAL A 5 0.18 -1.85 -1.73
C VAL A 5 0.97 -1.99 -3.04
N TYR A 6 1.99 -1.15 -3.19
CA TYR A 6 2.82 -1.17 -4.39
C TYR A 6 4.18 -0.54 -4.11
N ARG A 7 5.16 -0.85 -4.97
CA ARG A 7 6.49 -0.31 -4.82
C ARG A 7 6.53 1.18 -5.15
N GLY A 8 6.74 2.01 -4.13
CA GLY A 8 6.79 3.44 -4.34
C GLY A 8 6.05 4.20 -3.25
N ILE A 9 5.08 3.55 -2.63
CA ILE A 9 4.30 4.17 -1.57
C ILE A 9 4.20 3.26 -0.34
N TYR A 10 4.56 3.80 0.81
CA TYR A 10 4.51 3.04 2.06
C TYR A 10 3.08 2.93 2.56
N ARG A 11 2.53 1.71 2.50
CA ARG A 11 1.17 1.46 2.97
C ARG A 11 1.00 0.01 3.39
N ARG A 12 -0.20 -0.33 3.85
CA ARG A 12 -0.50 -1.69 4.28
C ARG A 12 -1.89 -2.12 3.83
N ARG A 13 -2.01 -3.37 3.41
CA ARG A 13 -3.29 -3.90 2.95
C ARG A 13 -4.37 -3.74 4.01
N LYS A 1 -6.92 0.41 6.61
CA LYS A 1 -6.21 -0.30 5.55
C LYS A 1 -6.67 0.15 4.17
N TRP A 2 -5.73 0.21 3.23
CA TRP A 2 -6.04 0.63 1.87
C TRP A 2 -5.83 -0.51 0.88
N PHE A 3 -6.07 -0.25 -0.39
CA PHE A 3 -5.91 -1.26 -1.43
C PHE A 3 -4.52 -1.87 -1.38
N ARG A 4 -4.25 -2.79 -2.30
CA ARG A 4 -2.96 -3.46 -2.36
C ARG A 4 -1.83 -2.43 -2.48
N VAL A 5 -0.83 -2.55 -1.61
CA VAL A 5 0.30 -1.64 -1.62
C VAL A 5 1.16 -1.84 -2.86
N TYR A 6 1.92 -0.83 -3.23
CA TYR A 6 2.79 -0.90 -4.40
C TYR A 6 4.18 -0.33 -4.08
N ARG A 7 5.14 -0.62 -4.96
CA ARG A 7 6.50 -0.15 -4.77
C ARG A 7 6.61 1.34 -5.06
N GLY A 8 6.84 2.12 -4.01
CA GLY A 8 6.95 3.57 -4.17
C GLY A 8 6.25 4.33 -3.07
N ILE A 9 5.26 3.69 -2.45
CA ILE A 9 4.50 4.31 -1.37
C ILE A 9 4.38 3.39 -0.17
N TYR A 10 4.77 3.90 1.00
CA TYR A 10 4.71 3.12 2.23
C TYR A 10 3.27 3.01 2.74
N ARG A 11 2.71 1.81 2.66
CA ARG A 11 1.35 1.57 3.11
C ARG A 11 1.14 0.10 3.45
N ARG A 12 -0.08 -0.24 3.87
CA ARG A 12 -0.41 -1.60 4.24
C ARG A 12 -1.76 -2.01 3.67
N ARG A 13 -1.78 -3.13 2.95
CA ARG A 13 -3.02 -3.62 2.34
C ARG A 13 -3.83 -4.43 3.35
N LYS A 1 -6.23 0.57 7.35
CA LYS A 1 -5.83 -0.27 6.23
C LYS A 1 -6.41 0.25 4.92
N TRP A 2 -5.62 0.18 3.85
CA TRP A 2 -6.08 0.64 2.55
C TRP A 2 -5.97 -0.47 1.50
N PHE A 3 -6.35 -0.17 0.27
CA PHE A 3 -6.30 -1.14 -0.81
C PHE A 3 -4.91 -1.75 -0.93
N ARG A 4 -4.75 -2.65 -1.89
CA ARG A 4 -3.47 -3.31 -2.12
C ARG A 4 -2.35 -2.29 -2.32
N VAL A 5 -1.27 -2.43 -1.55
CA VAL A 5 -0.14 -1.53 -1.66
C VAL A 5 0.58 -1.69 -2.99
N TYR A 6 1.63 -0.89 -3.19
CA TYR A 6 2.40 -0.94 -4.43
C TYR A 6 3.80 -0.37 -4.22
N ARG A 7 4.69 -0.67 -5.16
CA ARG A 7 6.07 -0.18 -5.08
C ARG A 7 6.13 1.31 -5.35
N GLY A 8 6.45 2.08 -4.32
CA GLY A 8 6.54 3.53 -4.47
C GLY A 8 5.90 4.28 -3.32
N ILE A 9 4.99 3.60 -2.61
CA ILE A 9 4.31 4.21 -1.47
C ILE A 9 4.24 3.25 -0.30
N TYR A 10 4.69 3.72 0.86
CA TYR A 10 4.68 2.91 2.07
C TYR A 10 3.29 2.84 2.68
N ARG A 11 2.67 1.67 2.61
CA ARG A 11 1.33 1.47 3.15
C ARG A 11 1.10 0.01 3.51
N ARG A 12 -0.09 -0.29 4.02
CA ARG A 12 -0.44 -1.65 4.40
C ARG A 12 -1.80 -2.04 3.83
N ARG A 13 -1.86 -3.21 3.19
CA ARG A 13 -3.09 -3.69 2.59
C ARG A 13 -3.84 -4.60 3.56
N LYS A 1 -7.33 1.01 6.49
CA LYS A 1 -6.52 0.34 5.47
C LYS A 1 -6.93 0.77 4.07
N TRP A 2 -5.99 0.72 3.13
CA TRP A 2 -6.25 1.10 1.76
C TRP A 2 -6.06 -0.08 0.81
N PHE A 3 -6.27 0.16 -0.48
CA PHE A 3 -6.11 -0.89 -1.48
C PHE A 3 -4.73 -1.54 -1.39
N ARG A 4 -4.48 -2.51 -2.26
CA ARG A 4 -3.20 -3.21 -2.27
C ARG A 4 -2.05 -2.22 -2.40
N VAL A 5 -1.07 -2.34 -1.50
CA VAL A 5 0.09 -1.46 -1.52
C VAL A 5 0.98 -1.75 -2.72
N TYR A 6 1.83 -0.78 -3.06
CA TYR A 6 2.73 -0.93 -4.19
C TYR A 6 4.10 -0.33 -3.89
N ARG A 7 5.12 -0.75 -4.63
CA ARG A 7 6.47 -0.25 -4.43
C ARG A 7 6.57 1.23 -4.78
N GLY A 8 6.79 2.06 -3.76
CA GLY A 8 6.89 3.49 -3.99
C GLY A 8 6.15 4.30 -2.93
N ILE A 9 5.20 3.66 -2.27
CA ILE A 9 4.42 4.33 -1.23
C ILE A 9 4.26 3.44 0.00
N TYR A 10 4.61 3.97 1.16
CA TYR A 10 4.51 3.21 2.40
C TYR A 10 3.06 3.17 2.90
N ARG A 11 2.46 1.99 2.82
CA ARG A 11 1.08 1.81 3.25
C ARG A 11 0.81 0.35 3.63
N ARG A 12 -0.42 0.07 4.04
CA ARG A 12 -0.81 -1.28 4.43
C ARG A 12 -2.15 -1.66 3.82
N ARG A 13 -2.17 -2.76 3.08
CA ARG A 13 -3.40 -3.22 2.43
C ARG A 13 -4.27 -3.99 3.42
#